data_1SMS
#
_entry.id   1SMS
#
_cell.length_a   79.600
_cell.length_b   79.600
_cell.length_c   218.100
_cell.angle_alpha   90.00
_cell.angle_beta   90.00
_cell.angle_gamma   120.00
#
_symmetry.space_group_name_H-M   'P 61'
#
loop_
_entity.id
_entity.type
_entity.pdbx_description
1 polymer 'Ribonucleoside-diphosphate reductase small chain 2'
2 non-polymer 'MERCURY (II) ION'
#
_entity_poly.entity_id   1
_entity_poly.type   'polypeptide(L)'
_entity_poly.pdbx_seq_one_letter_code
;MEAHNQFLKTFQKERHDMKEAEKDEILLMENSRRFVMFPIKYHEIWAAYKKVEASFWTAEEIELAKDTEDFQKLTDDQKT
YIGNLLALSISSDNLVNKYLIENFSAQLQNPEGKSFYGFQIMMENIYSEVYSMMVDAFFKDPKNIPLFKEIANLPEVKHK
AAFIERWISNDDSLYAERLVAFAAKEGIFQAGNYASMFWLTDKKIMPGLAMANRNICRDRGAYTDFSCLLFAHLRTKPNP
KIIEKIITEAVEIEKEYYSNSLPVEKFGMDLKSIHTYIEFVADGLLQGFGNEKYYNAVNPFEFMEDVATAGKTTFFEKKV
SDYQKASDMSKSATPSKEINFDDDF
;
_entity_poly.pdbx_strand_id   A,B
#
loop_
_chem_comp.id
_chem_comp.type
_chem_comp.name
_chem_comp.formula
HG non-polymer 'MERCURY (II) ION' 'Hg 2'
#
# COMPACT_ATOMS: atom_id res chain seq x y z
N ALA A 3 5.20 -34.73 -19.25
CA ALA A 3 5.48 -33.30 -19.61
C ALA A 3 6.26 -32.60 -18.51
N HIS A 4 5.80 -31.40 -18.13
CA HIS A 4 6.41 -30.62 -17.06
C HIS A 4 6.46 -31.47 -15.80
N ASN A 5 5.51 -32.39 -15.69
CA ASN A 5 5.40 -33.29 -14.55
C ASN A 5 6.50 -34.34 -14.56
N GLN A 6 6.80 -34.89 -15.73
CA GLN A 6 7.85 -35.90 -15.84
C GLN A 6 9.11 -35.44 -15.11
N PHE A 7 9.35 -34.13 -15.13
CA PHE A 7 10.51 -33.58 -14.45
C PHE A 7 10.23 -33.65 -12.94
N LEU A 8 9.09 -33.11 -12.54
CA LEU A 8 8.72 -33.12 -11.13
C LEU A 8 8.44 -34.52 -10.61
N LYS A 9 8.32 -35.48 -11.52
CA LYS A 9 8.08 -36.87 -11.15
C LYS A 9 9.38 -37.49 -10.69
N THR A 10 10.46 -36.92 -11.23
CA THR A 10 11.82 -37.34 -10.91
C THR A 10 12.17 -37.00 -9.46
N PHE A 11 11.33 -36.18 -8.82
CA PHE A 11 11.57 -35.76 -7.44
C PHE A 11 10.41 -36.03 -6.48
N GLN A 12 9.56 -36.98 -6.85
CA GLN A 12 8.39 -37.37 -6.04
C GLN A 12 8.78 -38.04 -4.73
N LYS A 13 9.98 -37.76 -4.23
CA LYS A 13 10.41 -38.34 -2.97
C LYS A 13 11.10 -37.29 -2.13
N GLU A 14 11.62 -36.25 -2.76
CA GLU A 14 12.27 -35.19 -2.02
C GLU A 14 11.39 -33.96 -2.05
N ARG A 15 10.31 -34.05 -2.84
CA ARG A 15 9.36 -32.95 -2.93
C ARG A 15 8.06 -33.39 -2.27
N HIS A 16 8.10 -34.57 -1.67
CA HIS A 16 6.96 -35.10 -0.93
C HIS A 16 7.29 -34.72 0.49
N ASP A 17 8.53 -35.03 0.86
CA ASP A 17 9.04 -34.73 2.18
C ASP A 17 8.94 -33.22 2.38
N MET A 18 8.91 -32.48 1.30
CA MET A 18 8.82 -31.02 1.41
C MET A 18 7.45 -30.51 1.81
N LYS A 19 6.40 -30.94 1.11
CA LYS A 19 5.05 -30.50 1.46
C LYS A 19 4.88 -30.91 2.92
N GLU A 20 5.21 -32.17 3.19
CA GLU A 20 5.10 -32.76 4.52
C GLU A 20 5.83 -31.95 5.57
N ALA A 21 6.79 -31.15 5.13
CA ALA A 21 7.54 -30.32 6.06
C ALA A 21 7.02 -28.88 6.07
N GLU A 22 6.33 -28.49 5.00
CA GLU A 22 5.81 -27.13 4.92
C GLU A 22 5.05 -26.78 6.19
N LYS A 23 4.30 -27.75 6.72
CA LYS A 23 3.55 -27.50 7.95
C LYS A 23 4.47 -26.85 8.98
N ASP A 24 5.67 -27.40 9.09
CA ASP A 24 6.63 -26.89 10.05
C ASP A 24 7.46 -25.72 9.54
N GLU A 25 7.01 -25.08 8.46
CA GLU A 25 7.73 -23.92 7.95
C GLU A 25 7.08 -22.76 8.68
N ILE A 26 7.75 -22.25 9.71
CA ILE A 26 7.19 -21.17 10.49
C ILE A 26 6.89 -19.90 9.72
N LEU A 27 7.63 -19.65 8.64
CA LEU A 27 7.40 -18.46 7.83
C LEU A 27 5.97 -18.51 7.28
N LEU A 28 5.44 -19.73 7.18
CA LEU A 28 4.08 -19.97 6.70
C LEU A 28 3.23 -20.47 7.84
N MET A 29 3.79 -20.42 9.04
CA MET A 29 3.12 -20.87 10.27
C MET A 29 2.02 -19.88 10.60
N GLU A 30 1.05 -19.76 9.70
CA GLU A 30 -0.04 -18.82 9.89
C GLU A 30 -0.49 -18.67 11.33
N ASN A 31 -0.13 -17.54 11.93
CA ASN A 31 -0.52 -17.24 13.28
C ASN A 31 -1.30 -15.93 13.28
N SER A 32 -1.43 -15.30 14.45
CA SER A 32 -2.19 -14.06 14.56
C SER A 32 -1.63 -12.88 13.79
N ARG A 33 -0.36 -12.55 14.03
CA ARG A 33 0.28 -11.40 13.38
C ARG A 33 -0.08 -11.14 11.91
N ARG A 34 -1.14 -10.34 11.74
CA ARG A 34 -1.68 -9.94 10.43
C ARG A 34 -1.05 -8.60 10.07
N PHE A 35 -0.90 -7.74 11.07
CA PHE A 35 -0.28 -6.43 10.92
C PHE A 35 0.87 -6.34 11.93
N VAL A 36 1.91 -5.61 11.56
CA VAL A 36 3.12 -5.44 12.37
C VAL A 36 3.03 -4.90 13.80
N MET A 37 2.86 -5.80 14.76
CA MET A 37 2.83 -5.39 16.17
C MET A 37 4.27 -4.95 16.17
N PHE A 38 4.62 -3.86 16.86
CA PHE A 38 5.99 -3.44 16.72
C PHE A 38 7.14 -4.32 17.20
N PRO A 39 7.74 -4.05 18.39
CA PRO A 39 8.86 -4.89 18.83
C PRO A 39 9.24 -6.01 17.82
N ILE A 40 9.76 -5.60 16.67
CA ILE A 40 10.11 -6.49 15.56
C ILE A 40 11.14 -7.59 15.78
N LYS A 41 10.81 -8.79 15.30
CA LYS A 41 11.70 -9.95 15.42
C LYS A 41 12.52 -10.18 14.13
N TYR A 42 11.87 -10.06 12.99
CA TYR A 42 12.53 -10.24 11.69
C TYR A 42 13.19 -8.94 11.28
N HIS A 43 14.48 -8.81 11.59
CA HIS A 43 15.16 -7.59 11.28
C HIS A 43 15.39 -7.37 9.81
N GLU A 44 15.92 -8.39 9.13
CA GLU A 44 16.17 -8.23 7.71
C GLU A 44 14.87 -7.87 6.96
N ILE A 45 13.88 -8.76 7.00
CA ILE A 45 12.63 -8.50 6.30
C ILE A 45 12.19 -7.07 6.50
N TRP A 46 12.37 -6.55 7.70
CA TRP A 46 11.98 -5.17 7.97
C TRP A 46 13.00 -4.24 7.34
N ALA A 47 14.27 -4.60 7.45
CA ALA A 47 15.34 -3.79 6.87
C ALA A 47 14.95 -3.46 5.44
N ALA A 48 14.57 -4.49 4.70
CA ALA A 48 14.15 -4.37 3.31
C ALA A 48 12.93 -3.47 3.13
N TYR A 49 11.94 -3.58 4.04
CA TYR A 49 10.76 -2.72 3.91
C TYR A 49 11.24 -1.27 3.93
N LYS A 50 11.86 -0.88 5.03
CA LYS A 50 12.34 0.48 5.19
C LYS A 50 13.21 0.90 4.03
N LYS A 51 13.97 -0.04 3.49
CA LYS A 51 14.86 0.21 2.37
C LYS A 51 14.11 0.74 1.16
N VAL A 52 13.25 -0.09 0.58
CA VAL A 52 12.46 0.31 -0.58
C VAL A 52 11.58 1.49 -0.22
N GLU A 53 11.16 1.55 1.04
CA GLU A 53 10.32 2.64 1.52
C GLU A 53 11.02 3.97 1.31
N ALA A 54 12.34 3.95 1.48
CA ALA A 54 13.14 5.15 1.32
C ALA A 54 13.10 5.73 -0.09
N SER A 55 13.06 4.82 -1.08
CA SER A 55 13.04 5.18 -2.50
C SER A 55 11.69 5.53 -3.12
N PHE A 56 10.66 5.65 -2.30
CA PHE A 56 9.33 5.99 -2.80
C PHE A 56 9.34 7.12 -3.81
N TRP A 57 8.41 7.08 -4.76
CA TRP A 57 8.28 8.13 -5.77
C TRP A 57 6.92 8.13 -6.48
N THR A 58 6.62 9.24 -7.16
CA THR A 58 5.36 9.39 -7.87
C THR A 58 5.49 9.58 -9.38
N ALA A 59 4.34 9.60 -10.05
CA ALA A 59 4.28 9.77 -11.49
C ALA A 59 4.69 11.19 -11.82
N GLU A 60 4.33 12.13 -10.96
CA GLU A 60 4.69 13.52 -11.19
C GLU A 60 6.21 13.65 -11.33
N GLU A 61 6.94 12.68 -10.78
CA GLU A 61 8.39 12.72 -10.86
C GLU A 61 8.86 12.46 -12.28
N ILE A 62 7.89 12.26 -13.17
CA ILE A 62 8.18 12.02 -14.57
C ILE A 62 7.55 13.06 -15.49
N GLU A 63 8.42 13.99 -15.88
CA GLU A 63 8.12 15.12 -16.75
C GLU A 63 8.21 14.73 -18.24
N LEU A 64 7.05 14.54 -18.89
CA LEU A 64 7.04 14.16 -20.31
C LEU A 64 6.69 15.31 -21.26
N ALA A 65 7.74 15.84 -21.87
CA ALA A 65 7.71 16.95 -22.82
C ALA A 65 9.21 17.26 -22.91
N LYS A 66 9.66 17.78 -24.06
CA LYS A 66 11.09 18.04 -24.22
C LYS A 66 11.69 16.64 -24.12
N ASP A 67 10.80 15.65 -24.10
CA ASP A 67 11.17 14.26 -24.01
C ASP A 67 10.39 13.62 -25.15
N THR A 68 9.46 14.41 -25.68
CA THR A 68 8.62 14.00 -26.79
C THR A 68 9.44 14.27 -28.06
N GLU A 69 10.31 15.27 -27.97
CA GLU A 69 11.17 15.66 -29.09
C GLU A 69 12.00 14.48 -29.58
N ASP A 70 13.07 14.17 -28.87
CA ASP A 70 13.96 13.06 -29.23
C ASP A 70 13.19 11.86 -29.81
N PHE A 71 11.91 11.75 -29.45
CA PHE A 71 11.07 10.67 -29.94
C PHE A 71 10.77 10.81 -31.44
N GLN A 72 9.91 11.77 -31.78
CA GLN A 72 9.49 12.03 -33.15
C GLN A 72 10.67 12.28 -34.11
N LYS A 73 11.86 12.27 -33.56
CA LYS A 73 13.06 12.49 -34.34
C LYS A 73 13.90 11.22 -34.26
N LEU A 74 13.29 10.11 -34.62
CA LEU A 74 13.95 8.80 -34.61
C LEU A 74 13.47 7.90 -35.74
N THR A 75 13.99 6.67 -35.76
CA THR A 75 13.62 5.70 -36.79
C THR A 75 12.12 5.45 -36.73
N ASP A 76 11.65 4.49 -37.52
CA ASP A 76 10.22 4.19 -37.55
C ASP A 76 9.87 3.01 -36.66
N ASP A 77 10.88 2.24 -36.28
CA ASP A 77 10.68 1.07 -35.43
C ASP A 77 11.03 1.32 -33.97
N GLN A 78 12.23 1.84 -33.69
CA GLN A 78 12.59 2.13 -32.31
C GLN A 78 11.30 2.75 -31.83
N LYS A 79 10.71 3.56 -32.71
CA LYS A 79 9.45 4.22 -32.48
C LYS A 79 8.40 3.20 -32.06
N THR A 80 8.10 2.24 -32.94
CA THR A 80 7.10 1.21 -32.62
C THR A 80 7.57 0.22 -31.56
N TYR A 81 8.89 0.00 -31.49
CA TYR A 81 9.49 -0.89 -30.52
C TYR A 81 9.00 -0.42 -29.15
N ILE A 82 9.23 0.86 -28.89
CA ILE A 82 8.81 1.49 -27.65
C ILE A 82 7.31 1.24 -27.43
N GLY A 83 6.49 1.65 -28.39
CA GLY A 83 5.06 1.45 -28.25
C GLY A 83 4.69 0.03 -27.85
N ASN A 84 5.37 -0.97 -28.40
CA ASN A 84 5.06 -2.36 -28.05
C ASN A 84 5.52 -2.60 -26.62
N LEU A 85 6.68 -2.04 -26.31
CA LEU A 85 7.27 -2.13 -24.98
C LEU A 85 6.23 -1.57 -23.98
N LEU A 86 5.91 -0.29 -24.15
CA LEU A 86 4.94 0.40 -23.29
C LEU A 86 3.55 -0.24 -23.25
N ALA A 87 3.33 -1.30 -24.04
CA ALA A 87 2.01 -1.95 -24.06
C ALA A 87 2.09 -3.36 -23.52
N LEU A 88 3.21 -4.02 -23.78
CA LEU A 88 3.44 -5.38 -23.31
C LEU A 88 3.45 -5.34 -21.78
N SER A 89 3.46 -4.12 -21.25
CA SER A 89 3.46 -3.88 -19.83
C SER A 89 2.04 -3.57 -19.36
N ILE A 90 1.57 -2.37 -19.71
CA ILE A 90 0.25 -1.87 -19.35
C ILE A 90 -0.93 -2.85 -19.54
N SER A 91 -0.69 -3.99 -20.16
CA SER A 91 -1.76 -4.94 -20.37
C SER A 91 -1.34 -6.37 -20.07
N SER A 92 -0.03 -6.62 -20.07
CA SER A 92 0.51 -7.94 -19.80
C SER A 92 1.10 -8.11 -18.40
N ASP A 93 2.36 -7.71 -18.24
CA ASP A 93 3.05 -7.83 -16.96
C ASP A 93 2.45 -7.03 -15.80
N ASN A 94 2.39 -5.72 -15.95
CA ASN A 94 1.84 -4.87 -14.91
C ASN A 94 0.57 -5.44 -14.28
N LEU A 95 -0.26 -6.10 -15.10
CA LEU A 95 -1.50 -6.69 -14.61
C LEU A 95 -1.27 -7.92 -13.75
N VAL A 96 -0.73 -8.98 -14.35
CA VAL A 96 -0.48 -10.18 -13.60
C VAL A 96 0.41 -9.81 -12.45
N ASN A 97 1.21 -8.78 -12.65
CA ASN A 97 2.10 -8.30 -11.63
C ASN A 97 1.39 -8.07 -10.32
N LYS A 98 0.38 -7.20 -10.34
CA LYS A 98 -0.38 -6.87 -9.14
C LYS A 98 -1.10 -8.04 -8.47
N TYR A 99 -1.70 -8.94 -9.26
CA TYR A 99 -2.41 -10.11 -8.72
C TYR A 99 -1.47 -11.03 -7.95
N LEU A 100 -0.32 -11.34 -8.54
CA LEU A 100 0.69 -12.21 -7.94
C LEU A 100 1.12 -11.72 -6.57
N ILE A 101 1.38 -10.42 -6.47
CA ILE A 101 1.83 -9.84 -5.23
C ILE A 101 0.86 -10.05 -4.08
N GLU A 102 -0.43 -10.15 -4.39
CA GLU A 102 -1.42 -10.38 -3.34
C GLU A 102 -1.35 -11.84 -2.93
N ASN A 103 -1.21 -12.72 -3.90
CA ASN A 103 -1.10 -14.14 -3.63
C ASN A 103 0.05 -14.34 -2.66
N PHE A 104 1.27 -14.04 -3.10
CA PHE A 104 2.43 -14.20 -2.24
C PHE A 104 2.29 -13.47 -0.93
N SER A 105 1.77 -12.24 -0.96
CA SER A 105 1.58 -11.47 0.25
C SER A 105 0.74 -12.30 1.21
N ALA A 106 -0.35 -12.86 0.69
CA ALA A 106 -1.23 -13.69 1.50
C ALA A 106 -0.47 -14.88 2.09
N GLN A 107 0.34 -15.55 1.26
CA GLN A 107 1.12 -16.71 1.69
C GLN A 107 2.09 -16.41 2.84
N LEU A 108 2.65 -15.20 2.83
CA LEU A 108 3.62 -14.79 3.84
C LEU A 108 2.88 -14.47 5.13
N GLN A 109 3.15 -15.28 6.15
CA GLN A 109 2.50 -15.15 7.44
C GLN A 109 3.04 -14.10 8.41
N ASN A 110 4.17 -13.50 8.10
CA ASN A 110 4.71 -12.49 8.99
C ASN A 110 4.31 -11.10 8.53
N PRO A 111 3.84 -10.26 9.46
CA PRO A 111 3.40 -8.88 9.19
C PRO A 111 4.45 -8.04 8.46
N GLU A 112 5.56 -7.77 9.13
CA GLU A 112 6.66 -6.99 8.57
C GLU A 112 6.83 -7.33 7.09
N GLY A 113 6.65 -8.61 6.78
CA GLY A 113 6.76 -9.09 5.41
C GLY A 113 5.64 -8.53 4.56
N LYS A 114 4.39 -8.84 4.89
CA LYS A 114 3.27 -8.33 4.10
C LYS A 114 3.25 -6.82 4.16
N SER A 115 4.23 -6.24 4.84
CA SER A 115 4.33 -4.79 4.94
C SER A 115 5.09 -4.33 3.74
N PHE A 116 6.07 -5.13 3.33
CA PHE A 116 6.90 -4.84 2.17
C PHE A 116 6.00 -4.97 0.95
N TYR A 117 5.39 -6.16 0.81
CA TYR A 117 4.48 -6.43 -0.30
C TYR A 117 3.46 -5.30 -0.41
N GLY A 118 3.01 -4.82 0.74
CA GLY A 118 2.04 -3.75 0.76
C GLY A 118 2.58 -2.50 0.10
N PHE A 119 3.90 -2.37 0.07
CA PHE A 119 4.53 -1.22 -0.56
C PHE A 119 4.58 -1.46 -2.05
N GLN A 120 5.11 -2.62 -2.41
CA GLN A 120 5.27 -3.06 -3.79
C GLN A 120 4.02 -2.82 -4.67
N ILE A 121 2.89 -3.42 -4.33
CA ILE A 121 1.66 -3.24 -5.13
C ILE A 121 1.40 -1.78 -5.36
N MET A 122 1.44 -1.01 -4.29
CA MET A 122 1.18 0.41 -4.39
C MET A 122 1.99 1.02 -5.53
N MET A 123 3.26 0.65 -5.61
CA MET A 123 4.11 1.16 -6.67
C MET A 123 3.69 0.63 -8.05
N GLU A 124 3.48 -0.68 -8.19
CA GLU A 124 3.04 -1.28 -9.46
C GLU A 124 1.86 -0.47 -10.00
N ASN A 125 1.09 0.12 -9.09
CA ASN A 125 -0.06 0.92 -9.46
C ASN A 125 0.51 2.23 -10.00
N ILE A 126 1.52 2.75 -9.31
CA ILE A 126 2.13 4.00 -9.71
C ILE A 126 2.97 3.89 -10.96
N TYR A 127 3.45 2.69 -11.29
CA TYR A 127 4.24 2.51 -12.51
C TYR A 127 3.26 2.52 -13.67
N SER A 128 2.11 1.90 -13.45
CA SER A 128 1.07 1.82 -14.47
C SER A 128 0.75 3.18 -15.06
N GLU A 129 0.75 4.21 -14.22
CA GLU A 129 0.47 5.57 -14.63
C GLU A 129 1.64 6.17 -15.41
N VAL A 130 2.86 5.76 -15.08
CA VAL A 130 4.01 6.27 -15.80
C VAL A 130 3.89 5.79 -17.23
N TYR A 131 3.42 4.56 -17.39
CA TYR A 131 3.25 4.01 -18.72
C TYR A 131 2.12 4.75 -19.44
N SER A 132 0.95 4.85 -18.82
CA SER A 132 -0.14 5.58 -19.44
C SER A 132 0.21 7.06 -19.53
N MET A 133 1.44 7.39 -19.14
CA MET A 133 1.91 8.78 -19.20
C MET A 133 2.75 8.92 -20.45
N MET A 134 3.49 7.87 -20.78
CA MET A 134 4.33 7.84 -21.95
C MET A 134 3.52 7.52 -23.21
N VAL A 135 2.46 6.74 -23.05
CA VAL A 135 1.61 6.42 -24.19
C VAL A 135 0.91 7.68 -24.68
N ASP A 136 0.40 8.50 -23.77
CA ASP A 136 -0.23 9.75 -24.19
C ASP A 136 0.88 10.68 -24.68
N ALA A 137 1.97 10.71 -23.91
CA ALA A 137 3.14 11.51 -24.21
C ALA A 137 3.53 11.48 -25.66
N PHE A 138 3.80 10.29 -26.19
CA PHE A 138 4.20 10.21 -27.58
C PHE A 138 3.51 9.20 -28.50
N PHE A 139 2.21 8.99 -28.30
CA PHE A 139 1.43 8.08 -29.14
C PHE A 139 -0.03 8.52 -29.26
N LYS A 140 -0.36 9.63 -28.60
CA LYS A 140 -1.69 10.21 -28.61
C LYS A 140 -2.90 9.32 -28.27
N ASP A 141 -2.89 8.07 -28.70
CA ASP A 141 -4.04 7.22 -28.41
C ASP A 141 -3.79 5.70 -28.44
N PRO A 142 -4.49 4.95 -27.56
CA PRO A 142 -4.44 3.49 -27.39
C PRO A 142 -4.67 2.78 -28.72
N LYS A 143 -5.34 3.51 -29.61
CA LYS A 143 -5.66 3.06 -30.96
C LYS A 143 -4.37 2.98 -31.77
N ASN A 144 -3.58 4.05 -31.69
CA ASN A 144 -2.34 4.16 -32.43
C ASN A 144 -1.26 3.10 -32.16
N ILE A 145 -1.56 2.08 -31.37
CA ILE A 145 -0.55 1.03 -31.13
C ILE A 145 -0.95 -0.29 -31.76
N PRO A 146 -0.11 -0.82 -32.67
CA PRO A 146 -0.31 -2.09 -33.37
C PRO A 146 -0.46 -3.28 -32.41
N LEU A 147 0.68 -3.84 -32.00
CA LEU A 147 0.72 -4.98 -31.10
C LEU A 147 -0.36 -4.99 -30.01
N PHE A 148 -0.87 -3.80 -29.71
CA PHE A 148 -1.89 -3.61 -28.68
C PHE A 148 -3.27 -4.15 -29.10
N LYS A 149 -3.39 -5.45 -29.27
CA LYS A 149 -4.68 -6.04 -29.65
C LYS A 149 -4.58 -7.55 -29.71
N GLU A 150 -3.42 -8.05 -30.11
CA GLU A 150 -3.22 -9.48 -30.23
C GLU A 150 -2.11 -9.97 -29.30
N ILE A 151 -2.03 -9.37 -28.12
CA ILE A 151 -1.03 -9.75 -27.15
C ILE A 151 -1.30 -11.18 -26.72
N ALA A 152 -2.54 -11.44 -26.33
CA ALA A 152 -2.92 -12.78 -25.91
C ALA A 152 -2.43 -13.80 -26.92
N ASN A 153 -2.23 -13.35 -28.15
CA ASN A 153 -1.78 -14.23 -29.22
C ASN A 153 -0.34 -14.00 -29.65
N LEU A 154 0.56 -13.92 -28.67
CA LEU A 154 1.98 -13.75 -28.92
C LEU A 154 2.71 -14.96 -28.34
N PRO A 155 3.52 -15.61 -29.17
CA PRO A 155 4.26 -16.80 -28.70
C PRO A 155 4.82 -16.56 -27.30
N GLU A 156 5.45 -15.41 -27.14
CA GLU A 156 6.10 -15.02 -25.88
C GLU A 156 5.19 -14.81 -24.67
N VAL A 157 4.17 -13.95 -24.79
CA VAL A 157 3.29 -13.70 -23.66
C VAL A 157 2.63 -15.01 -23.26
N LYS A 158 2.22 -15.77 -24.28
CA LYS A 158 1.56 -17.06 -24.10
C LYS A 158 2.52 -18.01 -23.38
N HIS A 159 3.74 -18.10 -23.89
CA HIS A 159 4.77 -18.97 -23.31
C HIS A 159 5.15 -18.51 -21.91
N LYS A 160 4.88 -17.25 -21.62
CA LYS A 160 5.18 -16.68 -20.33
C LYS A 160 4.17 -17.19 -19.32
N ALA A 161 2.89 -16.88 -19.58
CA ALA A 161 1.77 -17.26 -18.72
C ALA A 161 1.85 -18.73 -18.30
N ALA A 162 2.22 -19.57 -19.25
CA ALA A 162 2.34 -20.98 -18.96
C ALA A 162 3.36 -21.14 -17.84
N PHE A 163 4.44 -20.34 -17.88
CA PHE A 163 5.49 -20.41 -16.86
C PHE A 163 4.97 -20.13 -15.46
N ILE A 164 4.08 -19.15 -15.35
CA ILE A 164 3.49 -18.80 -14.06
C ILE A 164 2.51 -19.88 -13.62
N GLU A 165 1.58 -20.22 -14.51
CA GLU A 165 0.56 -21.24 -14.21
C GLU A 165 1.23 -22.57 -13.93
N ARG A 166 2.47 -22.71 -14.40
CA ARG A 166 3.27 -23.90 -14.26
C ARG A 166 4.05 -23.96 -12.95
N TRP A 167 4.56 -22.82 -12.50
CA TRP A 167 5.36 -22.77 -11.30
C TRP A 167 4.74 -22.08 -10.07
N ILE A 168 3.87 -21.11 -10.31
CA ILE A 168 3.23 -20.37 -9.21
C ILE A 168 1.78 -20.82 -9.07
N SER A 169 0.87 -20.07 -9.69
CA SER A 169 -0.55 -20.44 -9.65
C SER A 169 -0.66 -21.86 -10.18
N ASN A 170 -0.48 -22.81 -9.26
CA ASN A 170 -0.54 -24.23 -9.56
C ASN A 170 -0.71 -24.90 -8.21
N ASP A 171 -1.72 -25.75 -8.08
CA ASP A 171 -1.94 -26.43 -6.81
C ASP A 171 -0.75 -27.31 -6.41
N ASP A 172 -0.17 -28.02 -7.38
CA ASP A 172 0.97 -28.90 -7.14
C ASP A 172 2.28 -28.13 -7.14
N SER A 173 2.42 -27.18 -6.21
CA SER A 173 3.66 -26.36 -6.10
C SER A 173 4.13 -26.27 -4.65
N LEU A 174 5.38 -25.82 -4.47
CA LEU A 174 5.96 -25.65 -3.14
C LEU A 174 6.46 -24.23 -2.96
N TYR A 175 6.13 -23.63 -1.83
CA TYR A 175 6.51 -22.24 -1.55
C TYR A 175 7.91 -21.87 -2.08
N ALA A 176 8.93 -22.53 -1.55
CA ALA A 176 10.30 -22.27 -1.96
C ALA A 176 10.39 -22.20 -3.48
N GLU A 177 9.67 -23.11 -4.14
CA GLU A 177 9.66 -23.15 -5.60
C GLU A 177 9.00 -21.91 -6.16
N ARG A 178 7.75 -21.66 -5.80
CA ARG A 178 7.02 -20.49 -6.30
C ARG A 178 7.81 -19.24 -6.01
N LEU A 179 8.49 -19.25 -4.87
CA LEU A 179 9.30 -18.11 -4.48
C LEU A 179 10.44 -17.91 -5.50
N VAL A 180 11.09 -19.01 -5.90
CA VAL A 180 12.18 -18.92 -6.87
C VAL A 180 11.69 -18.28 -8.17
N ALA A 181 10.71 -18.94 -8.79
CA ALA A 181 10.11 -18.50 -10.04
C ALA A 181 9.74 -17.03 -9.94
N PHE A 182 8.98 -16.68 -8.90
CA PHE A 182 8.57 -15.29 -8.69
C PHE A 182 9.81 -14.41 -8.77
N ALA A 183 10.90 -14.88 -8.18
CA ALA A 183 12.14 -14.12 -8.24
C ALA A 183 12.58 -14.10 -9.71
N ALA A 184 12.38 -15.21 -10.39
CA ALA A 184 12.72 -15.30 -11.81
C ALA A 184 11.87 -14.30 -12.60
N LYS A 185 10.57 -14.35 -12.38
CA LYS A 185 9.62 -13.47 -13.06
C LYS A 185 9.92 -11.99 -12.89
N GLU A 186 10.41 -11.60 -11.72
CA GLU A 186 10.70 -10.20 -11.44
C GLU A 186 12.08 -9.80 -11.96
N GLY A 187 13.07 -10.65 -11.70
CA GLY A 187 14.43 -10.35 -12.12
C GLY A 187 14.77 -10.66 -13.56
N ILE A 188 14.46 -11.88 -14.01
CA ILE A 188 14.78 -12.27 -15.36
C ILE A 188 13.82 -11.71 -16.41
N PHE A 189 12.55 -12.07 -16.35
CA PHE A 189 11.63 -11.54 -17.35
C PHE A 189 11.80 -10.03 -17.43
N GLN A 190 11.94 -9.53 -18.64
CA GLN A 190 12.13 -8.10 -18.91
C GLN A 190 13.54 -7.56 -18.68
N ALA A 191 14.53 -8.44 -18.53
CA ALA A 191 15.90 -7.99 -18.34
C ALA A 191 16.31 -7.24 -19.60
N GLY A 192 15.64 -7.54 -20.71
CA GLY A 192 15.95 -6.87 -21.96
C GLY A 192 15.43 -5.44 -21.94
N ASN A 193 14.11 -5.30 -21.79
CA ASN A 193 13.47 -3.98 -21.74
C ASN A 193 14.40 -2.92 -21.14
N TYR A 194 14.95 -3.22 -19.98
CA TYR A 194 15.85 -2.31 -19.27
C TYR A 194 17.10 -2.13 -20.08
N ALA A 195 17.78 -3.23 -20.35
CA ALA A 195 19.01 -3.21 -21.14
C ALA A 195 18.76 -2.29 -22.32
N SER A 196 17.60 -2.47 -22.95
CA SER A 196 17.21 -1.65 -24.09
C SER A 196 17.17 -0.18 -23.71
N MET A 197 16.07 0.24 -23.09
CA MET A 197 15.88 1.62 -22.69
C MET A 197 17.11 2.22 -22.06
N PHE A 198 17.87 1.41 -21.32
CA PHE A 198 19.12 1.89 -20.73
C PHE A 198 19.95 2.40 -21.92
N TRP A 199 20.47 1.45 -22.68
CA TRP A 199 21.25 1.74 -23.88
C TRP A 199 20.70 3.00 -24.55
N LEU A 200 19.45 2.94 -25.00
CA LEU A 200 18.83 4.08 -25.64
C LEU A 200 19.12 5.36 -24.87
N THR A 201 18.15 5.76 -24.04
CA THR A 201 18.23 6.98 -23.22
C THR A 201 19.67 7.38 -22.86
N ASP A 202 20.51 6.39 -22.59
CA ASP A 202 21.89 6.60 -22.22
C ASP A 202 22.58 7.79 -22.88
N LYS A 203 22.96 8.75 -22.04
CA LYS A 203 23.66 9.99 -22.41
C LYS A 203 22.80 11.18 -22.85
N LYS A 204 22.31 11.18 -24.09
CA LYS A 204 21.50 12.32 -24.52
C LYS A 204 20.15 12.01 -25.18
N ILE A 205 19.40 11.07 -24.61
CA ILE A 205 18.10 10.73 -25.17
C ILE A 205 17.00 10.66 -24.11
N MET A 206 15.83 11.15 -24.49
CA MET A 206 14.63 11.18 -23.65
C MET A 206 14.83 10.94 -22.14
N PRO A 207 15.11 12.02 -21.38
CA PRO A 207 15.34 12.08 -19.94
C PRO A 207 14.28 11.41 -19.08
N GLY A 208 13.05 11.92 -19.12
CA GLY A 208 11.98 11.32 -18.34
C GLY A 208 12.07 9.81 -18.41
N LEU A 209 12.05 9.28 -19.63
CA LEU A 209 12.12 7.85 -19.84
C LEU A 209 13.32 7.25 -19.14
N ALA A 210 14.47 7.93 -19.23
CA ALA A 210 15.68 7.44 -18.59
C ALA A 210 15.51 7.30 -17.09
N MET A 211 14.75 8.23 -16.51
CA MET A 211 14.48 8.22 -15.07
C MET A 211 13.58 7.03 -14.79
N ALA A 212 12.35 7.09 -15.29
CA ALA A 212 11.37 6.01 -15.12
C ALA A 212 12.05 4.63 -15.15
N ASN A 213 12.84 4.38 -16.19
CA ASN A 213 13.54 3.11 -16.35
C ASN A 213 14.59 2.94 -15.26
N ARG A 214 15.31 4.01 -14.95
CA ARG A 214 16.35 3.97 -13.93
C ARG A 214 15.67 3.51 -12.63
N ASN A 215 14.56 4.15 -12.32
CA ASN A 215 13.81 3.79 -11.12
C ASN A 215 13.26 2.39 -11.24
N ILE A 216 12.09 2.27 -11.87
CA ILE A 216 11.45 0.98 -12.06
C ILE A 216 12.44 -0.17 -11.98
N CYS A 217 13.46 -0.16 -12.85
CA CYS A 217 14.47 -1.21 -12.86
C CYS A 217 15.10 -1.38 -11.48
N ARG A 218 15.39 -0.27 -10.84
CA ARG A 218 15.97 -0.29 -9.50
C ARG A 218 15.03 -1.07 -8.60
N ASP A 219 13.94 -0.42 -8.23
CA ASP A 219 12.93 -1.01 -7.37
C ASP A 219 12.74 -2.51 -7.61
N ARG A 220 12.42 -2.86 -8.86
CA ARG A 220 12.20 -4.25 -9.21
C ARG A 220 13.38 -5.11 -8.85
N GLY A 221 14.52 -4.46 -8.65
CA GLY A 221 15.72 -5.17 -8.26
C GLY A 221 15.65 -5.52 -6.78
N ALA A 222 15.11 -4.59 -6.00
CA ALA A 222 14.95 -4.77 -4.57
C ALA A 222 13.92 -5.88 -4.38
N TYR A 223 12.82 -5.71 -5.11
CA TYR A 223 11.73 -6.66 -5.07
C TYR A 223 12.30 -8.06 -5.19
N THR A 224 12.89 -8.37 -6.35
CA THR A 224 13.46 -9.71 -6.56
C THR A 224 14.26 -10.16 -5.34
N ASP A 225 15.07 -9.24 -4.82
CA ASP A 225 15.89 -9.49 -3.66
C ASP A 225 15.05 -10.07 -2.53
N PHE A 226 13.88 -9.45 -2.32
CA PHE A 226 12.97 -9.91 -1.27
C PHE A 226 12.62 -11.36 -1.44
N SER A 227 12.33 -11.77 -2.67
CA SER A 227 11.98 -13.15 -2.92
C SER A 227 13.13 -14.05 -2.49
N CYS A 228 14.35 -13.52 -2.50
CA CYS A 228 15.53 -14.28 -2.08
C CYS A 228 15.59 -14.23 -0.55
N LEU A 229 15.53 -13.01 -0.04
CA LEU A 229 15.56 -12.76 1.39
C LEU A 229 14.52 -13.63 2.09
N LEU A 230 13.49 -14.02 1.35
CA LEU A 230 12.49 -14.88 1.92
C LEU A 230 12.99 -16.29 1.72
N PHE A 231 13.45 -16.57 0.50
CA PHE A 231 13.96 -17.89 0.15
C PHE A 231 14.99 -18.41 1.14
N ALA A 232 15.87 -17.51 1.59
CA ALA A 232 16.91 -17.88 2.53
C ALA A 232 16.38 -18.28 3.91
N HIS A 233 15.13 -17.96 4.20
CA HIS A 233 14.56 -18.31 5.49
C HIS A 233 14.03 -19.73 5.59
N LEU A 234 13.64 -20.31 4.47
CA LEU A 234 13.10 -21.67 4.50
C LEU A 234 14.10 -22.78 4.89
N ARG A 235 13.63 -23.74 5.69
CA ARG A 235 14.47 -24.86 6.14
C ARG A 235 14.77 -25.82 4.99
N THR A 236 13.75 -26.54 4.56
CA THR A 236 13.85 -27.53 3.47
C THR A 236 13.88 -26.86 2.09
N LYS A 237 15.08 -26.75 1.51
CA LYS A 237 15.24 -26.12 0.20
C LYS A 237 14.96 -27.04 -0.97
N PRO A 238 14.69 -26.44 -2.15
CA PRO A 238 14.41 -27.21 -3.37
C PRO A 238 15.71 -27.78 -3.99
N ASN A 239 15.70 -29.07 -4.35
CA ASN A 239 16.87 -29.67 -4.96
C ASN A 239 17.38 -28.64 -5.95
N PRO A 240 18.67 -28.30 -5.86
CA PRO A 240 19.29 -27.33 -6.76
C PRO A 240 18.85 -27.52 -8.20
N LYS A 241 18.60 -28.77 -8.57
CA LYS A 241 18.16 -29.12 -9.92
C LYS A 241 16.92 -28.30 -10.30
N ILE A 242 15.89 -28.42 -9.47
CA ILE A 242 14.63 -27.71 -9.65
C ILE A 242 14.88 -26.21 -9.67
N ILE A 243 15.76 -25.76 -8.80
CA ILE A 243 16.07 -24.35 -8.75
C ILE A 243 16.50 -23.92 -10.13
N GLU A 244 17.30 -24.76 -10.78
CA GLU A 244 17.78 -24.41 -12.10
C GLU A 244 16.67 -24.31 -13.16
N LYS A 245 16.07 -25.45 -13.56
CA LYS A 245 15.01 -25.41 -14.57
C LYS A 245 14.21 -24.14 -14.51
N ILE A 246 13.84 -23.74 -13.31
CA ILE A 246 13.06 -22.52 -13.18
C ILE A 246 13.75 -21.35 -13.90
N ILE A 247 14.91 -20.93 -13.40
CA ILE A 247 15.62 -19.83 -14.02
C ILE A 247 15.94 -20.16 -15.47
N THR A 248 16.28 -21.42 -15.71
CA THR A 248 16.59 -21.85 -17.06
C THR A 248 15.40 -21.52 -17.95
N GLU A 249 14.22 -22.03 -17.58
CA GLU A 249 13.01 -21.82 -18.35
C GLU A 249 12.78 -20.33 -18.59
N ALA A 250 12.89 -19.53 -17.54
CA ALA A 250 12.69 -18.09 -17.64
C ALA A 250 13.66 -17.44 -18.61
N VAL A 251 14.92 -17.84 -18.53
CA VAL A 251 15.93 -17.30 -19.43
C VAL A 251 15.44 -17.39 -20.87
N GLU A 252 15.16 -18.61 -21.32
CA GLU A 252 14.71 -18.85 -22.67
C GLU A 252 13.44 -18.09 -23.02
N ILE A 253 12.40 -18.19 -22.19
CA ILE A 253 11.18 -17.45 -22.49
C ILE A 253 11.48 -15.97 -22.71
N GLU A 254 12.32 -15.42 -21.84
CA GLU A 254 12.68 -14.01 -21.91
C GLU A 254 13.17 -13.61 -23.30
N LYS A 255 14.24 -14.28 -23.78
CA LYS A 255 14.83 -14.02 -25.10
C LYS A 255 13.77 -13.89 -26.20
N GLU A 256 13.03 -14.97 -26.42
CA GLU A 256 11.96 -15.03 -27.43
C GLU A 256 11.35 -13.67 -27.81
N TYR A 257 11.10 -12.83 -26.82
CA TYR A 257 10.51 -11.51 -27.05
C TYR A 257 11.28 -10.64 -28.05
N TYR A 258 12.61 -10.71 -27.99
CA TYR A 258 13.46 -9.88 -28.83
C TYR A 258 13.74 -10.42 -30.22
N SER A 259 13.40 -11.69 -30.44
CA SER A 259 13.61 -12.31 -31.73
C SER A 259 12.26 -12.42 -32.44
N ASN A 260 11.19 -12.30 -31.66
CA ASN A 260 9.83 -12.40 -32.18
C ASN A 260 9.07 -11.07 -32.11
N SER A 261 8.50 -10.79 -30.94
CA SER A 261 7.75 -9.55 -30.77
C SER A 261 8.61 -8.32 -31.05
N LEU A 262 9.30 -7.84 -30.02
CA LEU A 262 10.11 -6.63 -30.14
C LEU A 262 11.56 -6.77 -30.60
N PRO A 263 11.88 -6.09 -31.71
CA PRO A 263 13.14 -5.95 -32.48
C PRO A 263 14.49 -6.24 -31.83
N VAL A 264 15.16 -5.18 -31.39
CA VAL A 264 16.48 -5.29 -30.78
C VAL A 264 17.44 -5.43 -31.97
N GLU A 265 16.88 -5.92 -33.06
CA GLU A 265 17.62 -6.08 -34.31
C GLU A 265 17.28 -4.82 -35.09
N LYS A 266 15.97 -4.57 -35.24
CA LYS A 266 15.49 -3.38 -35.94
C LYS A 266 15.65 -2.20 -35.00
N PHE A 267 15.71 -2.49 -33.70
CA PHE A 267 15.85 -1.42 -32.71
C PHE A 267 17.24 -0.80 -32.81
N GLY A 268 18.26 -1.64 -32.99
CA GLY A 268 19.61 -1.12 -33.14
C GLY A 268 20.71 -1.82 -32.35
N MET A 269 20.56 -3.11 -32.09
CA MET A 269 21.60 -3.83 -31.35
C MET A 269 21.87 -5.24 -31.80
N ASP A 270 23.01 -5.77 -31.35
CA ASP A 270 23.47 -7.12 -31.68
C ASP A 270 22.89 -8.23 -30.81
N LEU A 271 21.61 -8.52 -31.04
CA LEU A 271 20.86 -9.54 -30.33
C LEU A 271 21.67 -10.54 -29.49
N LYS A 272 22.72 -11.10 -30.09
CA LYS A 272 23.52 -12.09 -29.38
C LYS A 272 23.99 -11.57 -28.01
N SER A 273 23.97 -10.26 -27.85
CA SER A 273 24.39 -9.61 -26.62
C SER A 273 23.29 -9.69 -25.56
N ILE A 274 22.10 -9.22 -25.93
CA ILE A 274 20.95 -9.25 -25.05
C ILE A 274 20.82 -10.69 -24.59
N HIS A 275 20.88 -11.60 -25.56
CA HIS A 275 20.80 -13.04 -25.30
C HIS A 275 21.74 -13.45 -24.19
N THR A 276 22.94 -12.88 -24.21
CA THR A 276 23.94 -13.20 -23.21
C THR A 276 23.67 -12.51 -21.89
N TYR A 277 23.35 -11.22 -21.93
CA TYR A 277 23.09 -10.49 -20.70
C TYR A 277 22.01 -11.21 -19.90
N ILE A 278 20.91 -11.55 -20.55
CA ILE A 278 19.84 -12.27 -19.89
C ILE A 278 20.50 -13.39 -19.10
N GLU A 279 21.44 -14.10 -19.73
CA GLU A 279 22.13 -15.19 -19.08
C GLU A 279 22.87 -14.69 -17.86
N PHE A 280 23.47 -13.53 -17.98
CA PHE A 280 24.22 -12.93 -16.88
C PHE A 280 23.34 -12.85 -15.63
N VAL A 281 22.32 -11.99 -15.72
CA VAL A 281 21.37 -11.79 -14.66
C VAL A 281 21.05 -13.15 -14.00
N ALA A 282 20.52 -14.08 -14.80
CA ALA A 282 20.13 -15.40 -14.33
C ALA A 282 21.14 -16.12 -13.45
N ASP A 283 22.40 -16.10 -13.85
CA ASP A 283 23.43 -16.78 -13.04
C ASP A 283 23.54 -16.11 -11.67
N GLY A 284 23.73 -14.79 -11.69
CA GLY A 284 23.86 -14.06 -10.45
C GLY A 284 22.66 -14.34 -9.57
N LEU A 285 21.56 -14.71 -10.21
CA LEU A 285 20.31 -15.04 -9.52
C LEU A 285 20.38 -16.50 -9.09
N LEU A 286 21.05 -17.31 -9.90
CA LEU A 286 21.20 -18.72 -9.60
C LEU A 286 22.03 -18.85 -8.34
N GLN A 287 23.04 -18.01 -8.25
CA GLN A 287 23.92 -18.01 -7.11
C GLN A 287 23.15 -17.60 -5.87
N GLY A 288 22.40 -16.52 -6.01
CA GLY A 288 21.59 -15.99 -4.91
C GLY A 288 20.52 -16.90 -4.35
N PHE A 289 20.54 -18.17 -4.74
CA PHE A 289 19.61 -19.16 -4.25
C PHE A 289 20.42 -20.40 -3.91
N GLY A 290 21.73 -20.21 -3.72
CA GLY A 290 22.59 -21.34 -3.41
C GLY A 290 22.58 -22.32 -4.56
N ASN A 291 23.06 -21.85 -5.71
CA ASN A 291 23.11 -22.65 -6.93
C ASN A 291 24.27 -22.19 -7.82
N GLU A 292 25.10 -23.14 -8.27
CA GLU A 292 26.24 -22.84 -9.12
C GLU A 292 25.86 -22.17 -10.44
N LYS A 293 26.73 -21.30 -10.93
CA LYS A 293 26.47 -20.59 -12.19
C LYS A 293 26.20 -21.58 -13.33
N TYR A 294 25.39 -21.16 -14.30
CA TYR A 294 25.07 -22.02 -15.42
C TYR A 294 25.64 -21.49 -16.71
N TYR A 295 24.97 -20.50 -17.27
CA TYR A 295 25.38 -19.91 -18.52
C TYR A 295 26.84 -19.46 -18.52
N ASN A 296 27.32 -18.95 -17.39
CA ASN A 296 28.70 -18.45 -17.29
C ASN A 296 28.88 -17.28 -18.23
N ALA A 297 27.82 -16.51 -18.41
CA ALA A 297 27.87 -15.35 -19.29
C ALA A 297 28.78 -14.30 -18.69
N VAL A 298 28.95 -13.21 -19.43
CA VAL A 298 29.77 -12.09 -19.01
C VAL A 298 29.08 -10.82 -19.48
N ASN A 299 28.89 -9.89 -18.56
CA ASN A 299 28.20 -8.65 -18.87
C ASN A 299 28.66 -8.01 -20.19
N PRO A 300 27.74 -7.86 -21.16
CA PRO A 300 28.03 -7.28 -22.47
C PRO A 300 27.90 -5.75 -22.53
N PHE A 301 27.16 -5.18 -21.59
CA PHE A 301 26.97 -3.74 -21.57
C PHE A 301 27.44 -3.15 -20.25
N GLU A 302 28.02 -1.95 -20.34
CA GLU A 302 28.40 -1.28 -19.10
C GLU A 302 27.20 -1.05 -18.20
N PHE A 303 27.02 -1.93 -17.25
CA PHE A 303 25.82 -1.86 -16.44
C PHE A 303 25.90 -1.49 -14.97
N MET A 304 24.80 -0.87 -14.53
CA MET A 304 24.59 -0.39 -13.17
C MET A 304 23.14 -0.75 -12.84
N GLU A 305 22.88 -1.20 -11.62
CA GLU A 305 21.53 -1.58 -11.20
C GLU A 305 20.73 -0.38 -10.73
N PHE A 315 29.79 -0.93 -3.26
CA PHE A 315 31.20 -0.51 -3.29
C PHE A 315 31.82 -0.69 -1.93
N PHE A 316 31.47 0.22 -1.02
CA PHE A 316 32.00 0.17 0.33
C PHE A 316 31.67 -1.23 0.86
N GLU A 317 30.38 -1.56 0.86
CA GLU A 317 29.93 -2.86 1.33
C GLU A 317 30.54 -4.01 0.53
N LYS A 318 30.37 -3.99 -0.79
CA LYS A 318 30.92 -5.06 -1.62
C LYS A 318 32.40 -5.35 -1.30
N LYS A 319 33.25 -4.33 -1.38
CA LYS A 319 34.67 -4.51 -1.10
C LYS A 319 34.87 -4.90 0.37
N VAL A 320 33.91 -4.55 1.22
CA VAL A 320 34.03 -4.90 2.64
C VAL A 320 33.90 -6.40 2.80
N SER A 321 32.82 -6.95 2.25
CA SER A 321 32.56 -8.38 2.33
C SER A 321 33.51 -9.20 1.46
N ASP A 322 34.02 -8.59 0.39
CA ASP A 322 34.97 -9.27 -0.49
C ASP A 322 36.19 -9.66 0.33
N TYR A 323 36.42 -8.92 1.40
CA TYR A 323 37.53 -9.18 2.32
C TYR A 323 37.00 -9.72 3.64
N GLN A 324 35.96 -10.53 3.53
CA GLN A 324 35.35 -11.20 4.65
C GLN A 324 35.43 -12.64 4.19
N LYS A 325 35.56 -12.81 2.87
CA LYS A 325 35.66 -14.11 2.22
C LYS A 325 37.11 -14.39 1.83
N ALA B 3 -33.58 -2.89 21.64
CA ALA B 3 -32.27 -2.20 21.87
C ALA B 3 -31.87 -1.35 20.66
N HIS B 4 -30.62 -1.49 20.23
CA HIS B 4 -30.10 -0.78 19.06
C HIS B 4 -31.02 -1.06 17.89
N ASN B 5 -31.63 -2.24 17.90
CA ASN B 5 -32.53 -2.67 16.85
C ASN B 5 -33.83 -1.90 16.87
N GLN B 6 -34.38 -1.67 18.06
CA GLN B 6 -35.62 -0.92 18.19
C GLN B 6 -35.59 0.36 17.35
N PHE B 7 -34.40 0.95 17.25
CA PHE B 7 -34.23 2.15 16.46
C PHE B 7 -34.31 1.74 14.99
N LEU B 8 -33.50 0.76 14.60
CA LEU B 8 -33.49 0.28 13.22
C LEU B 8 -34.80 -0.40 12.83
N LYS B 9 -35.63 -0.72 13.83
CA LYS B 9 -36.92 -1.37 13.59
C LYS B 9 -37.89 -0.30 13.11
N THR B 10 -37.61 0.93 13.53
CA THR B 10 -38.41 2.09 13.16
C THR B 10 -38.26 2.40 11.66
N PHE B 11 -37.28 1.77 11.02
CA PHE B 11 -37.05 2.00 9.60
C PHE B 11 -37.04 0.74 8.72
N GLN B 12 -37.69 -0.31 9.23
CA GLN B 12 -37.79 -1.59 8.54
C GLN B 12 -38.61 -1.51 7.25
N LYS B 13 -38.72 -0.32 6.67
CA LYS B 13 -39.48 -0.18 5.43
C LYS B 13 -38.72 0.71 4.46
N GLU B 14 -37.82 1.53 4.99
CA GLU B 14 -37.03 2.39 4.11
C GLU B 14 -35.60 1.87 4.10
N ARG B 15 -35.33 0.88 4.96
CA ARG B 15 -34.01 0.27 5.02
C ARG B 15 -34.12 -1.14 4.49
N HIS B 16 -35.30 -1.48 3.99
CA HIS B 16 -35.54 -2.78 3.36
C HIS B 16 -35.34 -2.46 1.90
N ASP B 17 -36.00 -1.40 1.47
CA ASP B 17 -35.95 -0.93 0.10
C ASP B 17 -34.49 -0.62 -0.22
N MET B 18 -33.69 -0.36 0.81
CA MET B 18 -32.28 -0.06 0.58
C MET B 18 -31.45 -1.28 0.22
N LYS B 19 -31.51 -2.34 1.02
CA LYS B 19 -30.74 -3.55 0.72
C LYS B 19 -31.18 -3.95 -0.69
N GLU B 20 -32.49 -4.00 -0.88
CA GLU B 20 -33.09 -4.37 -2.15
C GLU B 20 -32.59 -3.53 -3.31
N ALA B 21 -32.06 -2.36 -2.99
CA ALA B 21 -31.53 -1.49 -4.03
C ALA B 21 -30.01 -1.60 -4.12
N GLU B 22 -29.39 -2.08 -3.04
CA GLU B 22 -27.94 -2.19 -3.04
C GLU B 22 -27.47 -2.93 -4.29
N LYS B 23 -28.21 -3.95 -4.70
CA LYS B 23 -27.84 -4.72 -5.90
C LYS B 23 -27.53 -3.73 -7.01
N ASP B 24 -28.40 -2.73 -7.17
CA ASP B 24 -28.24 -1.75 -8.21
C ASP B 24 -27.31 -0.60 -7.86
N GLU B 25 -26.52 -0.77 -6.82
CA GLU B 25 -25.57 0.26 -6.44
C GLU B 25 -24.32 -0.09 -7.23
N ILE B 26 -24.07 0.61 -8.33
CA ILE B 26 -22.92 0.29 -9.16
C ILE B 26 -21.58 0.41 -8.48
N LEU B 27 -21.48 1.28 -7.47
CA LEU B 27 -20.23 1.45 -6.74
C LEU B 27 -19.86 0.10 -6.10
N LEU B 28 -20.87 -0.73 -5.87
CA LEU B 28 -20.70 -2.05 -5.28
C LEU B 28 -21.02 -3.10 -6.34
N MET B 29 -21.18 -2.64 -7.58
CA MET B 29 -21.51 -3.51 -8.72
C MET B 29 -20.27 -4.32 -9.07
N GLU B 30 -19.84 -5.14 -8.11
CA GLU B 30 -18.65 -5.96 -8.31
C GLU B 30 -18.48 -6.46 -9.73
N ASN B 31 -17.53 -5.86 -10.44
CA ASN B 31 -17.21 -6.27 -11.79
C ASN B 31 -15.73 -6.66 -11.84
N SER B 32 -15.16 -6.70 -13.03
CA SER B 32 -13.77 -7.11 -13.21
C SER B 32 -12.74 -6.17 -12.58
N ARG B 33 -12.79 -4.89 -12.92
CA ARG B 33 -11.82 -3.93 -12.41
C ARG B 33 -11.39 -4.08 -10.94
N ARG B 34 -10.32 -4.86 -10.77
CA ARG B 34 -9.71 -5.15 -9.47
C ARG B 34 -8.58 -4.16 -9.24
N PHE B 35 -7.86 -3.86 -10.33
CA PHE B 35 -6.76 -2.90 -10.32
C PHE B 35 -7.06 -1.86 -11.40
N VAL B 36 -6.62 -0.63 -11.16
CA VAL B 36 -6.84 0.52 -12.04
C VAL B 36 -6.39 0.44 -13.52
N MET B 37 -7.27 -0.03 -14.39
CA MET B 37 -6.95 -0.06 -15.82
C MET B 37 -6.93 1.43 -15.94
N PHE B 38 -6.01 2.01 -16.72
CA PHE B 38 -5.98 3.45 -16.72
C PHE B 38 -7.17 4.28 -17.20
N PRO B 39 -7.14 4.82 -18.44
CA PRO B 39 -8.30 5.64 -18.88
C PRO B 39 -9.41 5.77 -17.81
N ILE B 40 -9.09 6.50 -16.73
CA ILE B 40 -9.97 6.68 -15.57
C ILE B 40 -11.33 7.35 -15.77
N LYS B 41 -12.36 6.75 -15.17
CA LYS B 41 -13.72 7.27 -15.25
C LYS B 41 -14.10 8.09 -14.01
N TYR B 42 -13.73 7.60 -12.83
CA TYR B 42 -14.01 8.28 -11.56
C TYR B 42 -12.92 9.32 -11.31
N HIS B 43 -13.18 10.55 -11.71
CA HIS B 43 -12.16 11.57 -11.54
C HIS B 43 -11.93 11.96 -10.10
N GLU B 44 -13.01 12.26 -9.38
CA GLU B 44 -12.84 12.64 -7.99
C GLU B 44 -12.09 11.56 -7.20
N ILE B 45 -12.68 10.36 -7.09
CA ILE B 45 -12.05 9.29 -6.34
C ILE B 45 -10.56 9.24 -6.63
N TRP B 46 -10.17 9.48 -7.88
CA TRP B 46 -8.76 9.44 -8.23
C TRP B 46 -8.09 10.72 -7.75
N ALA B 47 -8.80 11.85 -7.91
CA ALA B 47 -8.27 13.12 -7.46
C ALA B 47 -7.78 12.96 -6.04
N ALA B 48 -8.63 12.35 -5.21
CA ALA B 48 -8.31 12.10 -3.81
C ALA B 48 -7.10 11.19 -3.63
N TYR B 49 -6.98 10.15 -4.46
CA TYR B 49 -5.83 9.27 -4.34
C TYR B 49 -4.56 10.11 -4.49
N LYS B 50 -4.42 10.71 -5.67
CA LYS B 50 -3.26 11.53 -5.96
C LYS B 50 -3.03 12.57 -4.88
N LYS B 51 -4.13 13.09 -4.33
CA LYS B 51 -4.06 14.11 -3.28
C LYS B 51 -3.26 13.63 -2.07
N VAL B 52 -3.80 12.64 -1.37
CA VAL B 52 -3.12 12.08 -0.21
C VAL B 52 -1.76 11.53 -0.61
N GLU B 53 -1.66 11.03 -1.85
CA GLU B 53 -0.42 10.48 -2.36
C GLU B 53 0.67 11.53 -2.31
N ALA B 54 0.28 12.78 -2.55
CA ALA B 54 1.22 13.90 -2.54
C ALA B 54 1.87 14.12 -1.17
N SER B 55 1.08 13.92 -0.12
CA SER B 55 1.50 14.10 1.26
C SER B 55 2.24 12.93 1.95
N PHE B 56 2.61 11.93 1.17
CA PHE B 56 3.32 10.78 1.73
C PHE B 56 4.47 11.19 2.64
N TRP B 57 4.74 10.36 3.65
CA TRP B 57 5.85 10.60 4.58
C TRP B 57 6.29 9.37 5.37
N THR B 58 7.48 9.45 5.96
CA THR B 58 8.02 8.33 6.73
C THR B 58 8.26 8.63 8.21
N ALA B 59 8.62 7.56 8.95
CA ALA B 59 8.89 7.67 10.37
C ALA B 59 10.16 8.49 10.55
N GLU B 60 11.11 8.32 9.64
CA GLU B 60 12.35 9.08 9.73
C GLU B 60 12.06 10.57 9.76
N GLU B 61 10.89 10.97 9.27
CA GLU B 61 10.54 12.38 9.25
C GLU B 61 10.25 12.87 10.66
N ILE B 62 10.38 11.96 11.61
CA ILE B 62 10.15 12.28 13.01
C ILE B 62 11.39 12.04 13.88
N GLU B 63 12.07 13.16 14.14
CA GLU B 63 13.28 13.25 14.93
C GLU B 63 12.97 13.34 16.44
N LEU B 64 13.16 12.24 17.16
CA LEU B 64 12.89 12.24 18.61
C LEU B 64 14.15 12.28 19.50
N ALA B 65 14.39 13.49 20.00
CA ALA B 65 15.51 13.85 20.86
C ALA B 65 15.40 15.37 20.85
N LYS B 66 15.86 16.04 21.90
CA LYS B 66 15.71 17.49 21.96
C LYS B 66 14.21 17.68 21.93
N ASP B 67 13.51 16.57 22.05
CA ASP B 67 12.06 16.53 22.05
C ASP B 67 11.74 15.70 23.27
N THR B 68 12.78 15.07 23.80
CA THR B 68 12.69 14.24 25.00
C THR B 68 12.80 15.20 26.17
N GLU B 69 13.52 16.30 25.95
CA GLU B 69 13.71 17.32 26.98
C GLU B 69 12.39 17.83 27.52
N ASP B 70 11.75 18.71 26.75
CA ASP B 70 10.46 19.30 27.15
C ASP B 70 9.55 18.29 27.87
N PHE B 71 9.80 17.00 27.62
CA PHE B 71 9.01 15.94 28.23
C PHE B 71 9.31 15.80 29.74
N GLN B 72 10.50 15.29 30.04
CA GLN B 72 10.95 15.07 31.42
C GLN B 72 10.91 16.33 32.29
N LYS B 73 10.55 17.44 31.65
CA LYS B 73 10.47 18.70 32.35
C LYS B 73 9.02 19.16 32.34
N LEU B 74 8.14 18.29 32.81
CA LEU B 74 6.71 18.57 32.86
C LEU B 74 6.05 17.97 34.09
N THR B 75 4.73 18.13 34.18
CA THR B 75 3.95 17.59 35.30
C THR B 75 4.13 16.08 35.36
N ASP B 76 3.39 15.43 36.25
CA ASP B 76 3.48 13.99 36.39
C ASP B 76 2.40 13.25 35.63
N ASP B 77 1.36 13.99 35.24
CA ASP B 77 0.25 13.40 34.50
C ASP B 77 0.30 13.69 33.01
N GLN B 78 0.45 14.97 32.62
CA GLN B 78 0.55 15.28 31.20
C GLN B 78 1.46 14.15 30.75
N LYS B 79 2.46 13.89 31.60
CA LYS B 79 3.43 12.83 31.40
C LYS B 79 2.71 11.52 31.12
N THR B 80 1.92 11.04 32.08
CA THR B 80 1.19 9.77 31.91
C THR B 80 0.04 9.88 30.91
N TYR B 81 -0.52 11.09 30.78
CA TYR B 81 -1.61 11.35 29.85
C TYR B 81 -1.10 10.90 28.48
N ILE B 82 0.05 11.44 28.09
CA ILE B 82 0.67 11.10 26.83
C ILE B 82 0.83 9.57 26.73
N GLY B 83 1.52 8.98 27.69
CA GLY B 83 1.71 7.55 27.67
C GLY B 83 0.43 6.78 27.40
N ASN B 84 -0.67 7.21 28.00
CA ASN B 84 -1.94 6.50 27.78
C ASN B 84 -2.39 6.76 26.37
N LEU B 85 -2.17 8.00 25.93
CA LEU B 85 -2.51 8.43 24.58
C LEU B 85 -1.74 7.50 23.61
N LEU B 86 -0.41 7.56 23.68
CA LEU B 86 0.45 6.74 22.84
C LEU B 86 0.21 5.22 22.94
N ALA B 87 -0.68 4.79 23.81
CA ALA B 87 -0.94 3.35 23.96
C ALA B 87 -2.35 3.01 23.54
N LEU B 88 -3.29 3.92 23.79
CA LEU B 88 -4.68 3.73 23.42
C LEU B 88 -4.73 3.62 21.90
N SER B 89 -3.60 3.92 21.28
CA SER B 89 -3.45 3.87 19.84
C SER B 89 -2.79 2.55 19.45
N ILE B 90 -1.50 2.46 19.72
CA ILE B 90 -0.68 1.29 19.40
C ILE B 90 -1.27 -0.08 19.74
N SER B 91 -2.40 -0.11 20.43
CA SER B 91 -3.01 -1.38 20.78
C SER B 91 -4.52 -1.39 20.57
N SER B 92 -5.11 -0.20 20.50
CA SER B 92 -6.54 -0.06 20.32
C SER B 92 -6.94 0.34 18.90
N ASP B 93 -6.92 1.65 18.64
CA ASP B 93 -7.30 2.17 17.33
C ASP B 93 -6.45 1.72 16.15
N ASN B 94 -5.16 2.03 16.18
CA ASN B 94 -4.26 1.65 15.11
C ASN B 94 -4.50 0.22 14.63
N LEU B 95 -4.87 -0.67 15.53
CA LEU B 95 -5.12 -2.07 15.17
C LEU B 95 -6.41 -2.25 14.40
N VAL B 96 -7.53 -1.97 15.06
CA VAL B 96 -8.80 -2.12 14.40
C VAL B 96 -8.76 -1.26 13.15
N ASN B 97 -7.98 -0.20 13.22
CA ASN B 97 -7.83 0.71 12.11
C ASN B 97 -7.49 -0.03 10.83
N LYS B 98 -6.38 -0.75 10.84
CA LYS B 98 -5.93 -1.48 9.66
C LYS B 98 -6.89 -2.56 9.14
N TYR B 99 -7.54 -3.30 10.04
CA TYR B 99 -8.49 -4.33 9.66
C TYR B 99 -9.68 -3.74 8.92
N LEU B 100 -10.24 -2.67 9.46
CA LEU B 100 -11.39 -1.99 8.87
C LEU B 100 -11.14 -1.57 7.42
N ILE B 101 -9.98 -0.96 7.19
CA ILE B 101 -9.62 -0.49 5.87
C ILE B 101 -9.63 -1.58 4.82
N GLU B 102 -9.36 -2.82 5.22
CA GLU B 102 -9.36 -3.91 4.27
C GLU B 102 -10.80 -4.27 3.97
N ASN B 103 -11.62 -4.29 5.00
CA ASN B 103 -13.03 -4.59 4.83
C ASN B 103 -13.60 -3.62 3.81
N PHE B 104 -13.63 -2.33 4.15
CA PHE B 104 -14.15 -1.33 3.24
C PHE B 104 -13.48 -1.38 1.87
N SER B 105 -12.17 -1.53 1.84
CA SER B 105 -11.45 -1.61 0.57
C SER B 105 -12.08 -2.72 -0.25
N ALA B 106 -12.28 -3.88 0.38
CA ALA B 106 -12.88 -5.01 -0.30
C ALA B 106 -14.27 -4.65 -0.83
N GLN B 107 -15.08 -3.99 0.00
CA GLN B 107 -16.44 -3.59 -0.38
C GLN B 107 -16.49 -2.67 -1.60
N LEU B 108 -15.48 -1.81 -1.73
CA LEU B 108 -15.42 -0.87 -2.84
C LEU B 108 -15.01 -1.58 -4.10
N GLN B 109 -15.92 -1.62 -5.06
CA GLN B 109 -15.69 -2.32 -6.32
C GLN B 109 -14.88 -1.60 -7.40
N ASN B 110 -14.60 -0.33 -7.20
CA ASN B 110 -13.84 0.39 -8.21
C ASN B 110 -12.36 0.42 -7.84
N PRO B 111 -11.47 0.15 -8.80
CA PRO B 111 -10.02 0.12 -8.62
C PRO B 111 -9.46 1.40 -8.02
N GLU B 112 -9.55 2.48 -8.79
CA GLU B 112 -9.08 3.80 -8.36
C GLU B 112 -9.35 3.98 -6.87
N GLY B 113 -10.51 3.49 -6.45
CA GLY B 113 -10.92 3.57 -5.07
C GLY B 113 -10.03 2.71 -4.18
N LYS B 114 -10.00 1.41 -4.43
CA LYS B 114 -9.16 0.54 -3.62
C LYS B 114 -7.69 0.94 -3.78
N SER B 115 -7.44 1.97 -4.58
CA SER B 115 -6.10 2.46 -4.80
C SER B 115 -5.78 3.40 -3.67
N PHE B 116 -6.79 4.16 -3.28
CA PHE B 116 -6.68 5.13 -2.19
C PHE B 116 -6.49 4.33 -0.90
N TYR B 117 -7.44 3.44 -0.63
CA TYR B 117 -7.39 2.58 0.54
C TYR B 117 -6.02 1.91 0.62
N GLY B 118 -5.50 1.54 -0.54
CA GLY B 118 -4.21 0.90 -0.59
C GLY B 118 -3.11 1.80 -0.05
N PHE B 119 -3.35 3.10 -0.10
CA PHE B 119 -2.37 4.07 0.39
C PHE B 119 -2.54 4.18 1.89
N GLN B 120 -3.78 4.39 2.30
CA GLN B 120 -4.15 4.54 3.69
C GLN B 120 -3.53 3.47 4.62
N ILE B 121 -3.83 2.18 4.40
CA ILE B 121 -3.26 1.14 5.27
C ILE B 121 -1.77 1.29 5.40
N MET B 122 -1.10 1.44 4.26
CA MET B 122 0.34 1.59 4.26
C MET B 122 0.75 2.62 5.30
N MET B 123 0.06 3.74 5.33
CA MET B 123 0.38 4.78 6.30
C MET B 123 0.08 4.35 7.74
N GLU B 124 -1.12 3.81 7.99
CA GLU B 124 -1.47 3.34 9.34
C GLU B 124 -0.36 2.45 9.88
N ASN B 125 0.37 1.81 8.96
CA ASN B 125 1.48 0.96 9.34
C ASN B 125 2.61 1.90 9.74
N ILE B 126 2.81 2.95 8.95
CA ILE B 126 3.85 3.91 9.21
C ILE B 126 3.57 4.78 10.43
N TYR B 127 2.31 4.95 10.79
CA TYR B 127 2.00 5.77 11.98
C TYR B 127 2.35 4.93 13.19
N SER B 128 2.06 3.64 13.09
CA SER B 128 2.33 2.70 14.17
C SER B 128 3.77 2.82 14.69
N GLU B 129 4.70 3.02 13.76
CA GLU B 129 6.12 3.15 14.07
C GLU B 129 6.42 4.50 14.74
N VAL B 130 5.68 5.53 14.35
CA VAL B 130 5.89 6.83 14.95
C VAL B 130 5.54 6.69 16.42
N TYR B 131 4.50 5.92 16.71
CA TYR B 131 4.10 5.72 18.09
C TYR B 131 5.15 4.90 18.82
N SER B 132 5.55 3.77 18.26
CA SER B 132 6.59 2.96 18.89
C SER B 132 7.92 3.71 18.82
N MET B 133 7.87 4.94 18.34
CA MET B 133 9.07 5.77 18.25
C MET B 133 9.07 6.72 19.44
N MET B 134 7.86 7.17 19.81
CA MET B 134 7.68 8.06 20.93
C MET B 134 7.67 7.30 22.26
N VAL B 135 7.21 6.06 22.24
CA VAL B 135 7.19 5.25 23.45
C VAL B 135 8.63 4.96 23.88
N ASP B 136 9.50 4.62 22.93
CA ASP B 136 10.90 4.39 23.28
C ASP B 136 11.50 5.75 23.62
N ALA B 137 11.16 6.73 22.80
CA ALA B 137 11.64 8.10 22.95
C ALA B 137 11.59 8.58 24.38
N PHE B 138 10.41 8.56 24.99
CA PHE B 138 10.31 9.04 26.35
C PHE B 138 9.61 8.18 27.40
N PHE B 139 9.75 6.86 27.30
CA PHE B 139 9.14 5.93 28.26
C PHE B 139 9.98 4.67 28.44
N LYS B 140 11.09 4.59 27.68
CA LYS B 140 12.02 3.48 27.73
C LYS B 140 11.49 2.06 27.54
N ASP B 141 10.31 1.75 28.06
CA ASP B 141 9.79 0.39 27.92
C ASP B 141 8.26 0.22 28.05
N PRO B 142 7.68 -0.73 27.28
CA PRO B 142 6.26 -1.10 27.23
C PRO B 142 5.73 -1.39 28.63
N LYS B 143 6.66 -1.77 29.50
CA LYS B 143 6.40 -2.09 30.89
C LYS B 143 6.02 -0.79 31.63
N ASN B 144 6.83 0.24 31.41
CA ASN B 144 6.62 1.52 32.08
C ASN B 144 5.29 2.24 31.83
N ILE B 145 4.35 1.61 31.13
CA ILE B 145 3.05 2.27 30.92
C ILE B 145 1.93 1.59 31.67
N PRO B 146 1.24 2.34 32.56
CA PRO B 146 0.13 1.85 33.38
C PRO B 146 -1.02 1.30 32.53
N LEU B 147 -1.90 2.21 32.09
CA LEU B 147 -3.08 1.87 31.28
C LEU B 147 -2.86 0.75 30.26
N PHE B 148 -1.59 0.54 29.91
CA PHE B 148 -1.19 -0.48 28.94
C PHE B 148 -1.29 -1.91 29.47
N LYS B 149 -2.50 -2.36 29.75
CA LYS B 149 -2.69 -3.72 30.26
C LYS B 149 -4.16 -4.04 30.46
N GLU B 150 -4.93 -3.02 30.82
CA GLU B 150 -6.35 -3.21 31.04
C GLU B 150 -7.18 -2.35 30.10
N ILE B 151 -6.69 -2.21 28.87
CA ILE B 151 -7.40 -1.42 27.87
C ILE B 151 -8.73 -2.11 27.58
N ALA B 152 -8.66 -3.40 27.29
CA ALA B 152 -9.86 -4.18 26.99
C ALA B 152 -10.91 -3.90 28.05
N ASN B 153 -10.46 -3.46 29.23
CA ASN B 153 -11.37 -3.18 30.33
C ASN B 153 -11.50 -1.70 30.66
N LEU B 154 -11.75 -0.91 29.62
CA LEU B 154 -11.95 0.53 29.76
C LEU B 154 -13.34 0.85 29.24
N PRO B 155 -14.16 1.50 30.07
CA PRO B 155 -15.52 1.86 29.66
C PRO B 155 -15.55 2.36 28.23
N GLU B 156 -14.60 3.25 27.92
CA GLU B 156 -14.50 3.87 26.61
C GLU B 156 -14.12 2.96 25.43
N VAL B 157 -13.01 2.23 25.54
CA VAL B 157 -12.60 1.36 24.44
C VAL B 157 -13.70 0.33 24.19
N LYS B 158 -14.26 -0.19 25.28
CA LYS B 158 -15.33 -1.18 25.26
C LYS B 158 -16.55 -0.59 24.57
N HIS B 159 -16.93 0.62 25.00
CA HIS B 159 -18.08 1.32 24.44
C HIS B 159 -17.84 1.70 22.98
N LYS B 160 -16.57 1.77 22.62
CA LYS B 160 -16.18 2.10 21.27
C LYS B 160 -16.46 0.90 20.37
N ALA B 161 -15.78 -0.20 20.67
CA ALA B 161 -15.90 -1.45 19.92
C ALA B 161 -17.34 -1.82 19.61
N ALA B 162 -18.20 -1.63 20.61
CA ALA B 162 -19.61 -1.92 20.43
C ALA B 162 -20.12 -1.07 19.26
N PHE B 163 -19.64 0.18 19.16
CA PHE B 163 -20.06 1.09 18.09
C PHE B 163 -19.74 0.56 16.71
N ILE B 164 -18.56 -0.06 16.58
CA ILE B 164 -18.14 -0.62 15.30
C ILE B 164 -18.93 -1.90 15.02
N GLU B 165 -18.95 -2.81 15.98
CA GLU B 165 -19.66 -4.08 15.82
C GLU B 165 -21.14 -3.82 15.60
N ARG B 166 -21.57 -2.64 16.02
CA ARG B 166 -22.96 -2.20 15.93
C ARG B 166 -23.32 -1.58 14.57
N TRP B 167 -22.40 -0.81 14.02
CA TRP B 167 -22.63 -0.12 12.76
C TRP B 167 -21.89 -0.63 11.53
N ILE B 168 -20.69 -1.18 11.73
CA ILE B 168 -19.87 -1.68 10.63
C ILE B 168 -19.90 -3.21 10.62
N SER B 169 -18.91 -3.84 11.24
CA SER B 169 -18.86 -5.29 11.30
C SER B 169 -20.16 -5.74 11.94
N ASN B 170 -21.17 -5.90 11.10
CA ASN B 170 -22.50 -6.32 11.51
C ASN B 170 -23.17 -6.78 10.23
N ASP B 171 -23.74 -7.98 10.24
CA ASP B 171 -24.41 -8.49 9.05
C ASP B 171 -25.60 -7.62 8.63
N ASP B 172 -26.37 -7.16 9.61
CA ASP B 172 -27.55 -6.32 9.38
C ASP B 172 -27.17 -4.86 9.24
N SER B 173 -26.36 -4.54 8.24
CA SER B 173 -25.92 -3.16 7.97
C SER B 173 -26.05 -2.78 6.50
N LEU B 174 -25.98 -1.49 6.22
CA LEU B 174 -26.07 -0.99 4.84
C LEU B 174 -24.84 -0.13 4.53
N TYR B 175 -24.25 -0.38 3.36
CA TYR B 175 -23.04 0.34 2.94
C TYR B 175 -23.04 1.81 3.37
N ALA B 176 -23.99 2.57 2.83
CA ALA B 176 -24.09 3.99 3.13
C ALA B 176 -23.96 4.21 4.63
N GLU B 177 -24.58 3.33 5.40
CA GLU B 177 -24.53 3.43 6.86
C GLU B 177 -23.12 3.18 7.36
N ARG B 178 -22.56 2.01 7.06
CA ARG B 178 -21.21 1.69 7.50
C ARG B 178 -20.25 2.77 7.06
N LEU B 179 -20.50 3.32 5.89
CA LEU B 179 -19.66 4.37 5.36
C LEU B 179 -19.72 5.59 6.28
N VAL B 180 -20.92 5.95 6.74
CA VAL B 180 -21.09 7.09 7.63
C VAL B 180 -20.26 6.91 8.91
N ALA B 181 -20.57 5.83 9.63
CA ALA B 181 -19.90 5.49 10.88
C ALA B 181 -18.41 5.52 10.68
N PHE B 182 -17.93 4.81 9.66
CA PHE B 182 -16.50 4.77 9.36
C PHE B 182 -16.00 6.21 9.29
N ALA B 183 -16.78 7.09 8.67
CA ALA B 183 -16.39 8.48 8.59
C ALA B 183 -16.39 9.02 10.03
N ALA B 184 -17.38 8.59 10.81
CA ALA B 184 -17.47 9.01 12.20
C ALA B 184 -16.22 8.53 12.96
N LYS B 185 -15.93 7.24 12.83
CA LYS B 185 -14.78 6.64 13.49
C LYS B 185 -13.46 7.32 13.19
N GLU B 186 -13.29 7.79 11.97
CA GLU B 186 -12.05 8.43 11.56
C GLU B 186 -12.01 9.89 11.95
N GLY B 187 -13.13 10.59 11.70
CA GLY B 187 -13.20 12.01 12.00
C GLY B 187 -13.49 12.38 13.44
N ILE B 188 -14.53 11.78 14.00
CA ILE B 188 -14.91 12.08 15.36
C ILE B 188 -14.04 11.42 16.43
N PHE B 189 -14.03 10.09 16.49
CA PHE B 189 -13.21 9.43 17.49
C PHE B 189 -11.81 10.01 17.43
N GLN B 190 -11.30 10.40 18.59
CA GLN B 190 -9.97 10.98 18.71
C GLN B 190 -9.85 12.47 18.36
N ALA B 191 -10.97 13.16 18.24
CA ALA B 191 -10.93 14.58 17.93
C ALA B 191 -10.24 15.27 19.09
N GLY B 192 -10.28 14.63 20.25
CA GLY B 192 -9.64 15.21 21.42
C GLY B 192 -8.14 15.11 21.30
N ASN B 193 -7.64 13.88 21.24
CA ASN B 193 -6.21 13.60 21.12
C ASN B 193 -5.49 14.73 20.38
N TYR B 194 -6.00 15.08 19.21
CA TYR B 194 -5.43 16.14 18.38
C TYR B 194 -5.55 17.46 19.09
N ALA B 195 -6.79 17.82 19.42
CA ALA B 195 -7.05 19.05 20.12
C ALA B 195 -6.02 19.16 21.24
N SER B 196 -5.83 18.06 21.96
CA SER B 196 -4.88 18.01 23.05
C SER B 196 -3.47 18.35 22.55
N MET B 197 -2.81 17.35 21.96
CA MET B 197 -1.44 17.52 21.47
C MET B 197 -1.24 18.82 20.73
N PHE B 198 -2.26 19.26 20.01
CA PHE B 198 -2.19 20.54 19.29
C PHE B 198 -1.86 21.56 20.38
N TRP B 199 -2.87 21.87 21.19
CA TRP B 199 -2.73 22.80 22.31
C TRP B 199 -1.33 22.67 22.90
N LEU B 200 -1.02 21.49 23.43
CA LEU B 200 0.29 21.25 24.03
C LEU B 200 1.39 21.82 23.14
N THR B 201 1.98 20.93 22.35
CA THR B 201 3.08 21.27 21.42
C THR B 201 3.05 22.72 20.93
N ASP B 202 1.84 23.23 20.71
CA ASP B 202 1.64 24.59 20.22
C ASP B 202 2.63 25.63 20.75
N LYS B 203 3.40 26.19 19.80
CA LYS B 203 4.41 27.22 20.03
C LYS B 203 5.81 26.75 20.43
N LYS B 204 6.03 26.39 21.69
CA LYS B 204 7.36 25.95 22.09
C LYS B 204 7.49 24.62 22.84
N ILE B 205 6.76 23.61 22.39
CA ILE B 205 6.83 22.32 23.06
C ILE B 205 6.99 21.15 22.07
N MET B 206 7.81 20.19 22.48
CA MET B 206 8.13 18.99 21.72
C MET B 206 7.75 18.99 20.24
N PRO B 207 8.66 19.49 19.37
CA PRO B 207 8.57 19.61 17.90
C PRO B 207 8.16 18.35 17.16
N GLY B 208 8.99 17.31 17.25
CA GLY B 208 8.67 16.06 16.58
C GLY B 208 7.20 15.74 16.78
N LEU B 209 6.77 15.66 18.03
CA LEU B 209 5.40 15.35 18.37
C LEU B 209 4.45 16.29 17.64
N ALA B 210 4.78 17.58 17.60
CA ALA B 210 3.93 18.57 16.93
C ALA B 210 3.76 18.25 15.47
N MET B 211 4.83 17.72 14.86
CA MET B 211 4.81 17.36 13.44
C MET B 211 3.89 16.13 13.31
N ALA B 212 4.32 15.01 13.89
CA ALA B 212 3.55 13.78 13.86
C ALA B 212 2.04 14.04 13.95
N ASN B 213 1.65 14.83 14.96
CA ASN B 213 0.24 15.16 15.19
C ASN B 213 -0.29 16.04 14.06
N ARG B 214 0.52 16.99 13.61
CA ARG B 214 0.12 17.89 12.54
C ARG B 214 -0.20 17.02 11.34
N ASN B 215 0.70 16.10 11.01
CA ASN B 215 0.49 15.20 9.89
C ASN B 215 -0.69 14.29 10.18
N ILE B 216 -0.45 13.19 10.89
CA ILE B 216 -1.49 12.23 11.22
C ILE B 216 -2.88 12.86 11.19
N CYS B 217 -3.10 13.91 11.97
CA CYS B 217 -4.38 14.60 12.02
C CYS B 217 -4.81 15.05 10.62
N ARG B 218 -3.86 15.58 9.86
CA ARG B 218 -4.12 16.01 8.49
C ARG B 218 -4.67 14.81 7.74
N ASP B 219 -3.75 13.92 7.36
CA ASP B 219 -4.09 12.72 6.63
C ASP B 219 -5.45 12.16 6.99
N ARG B 220 -5.64 11.86 8.27
CA ARG B 220 -6.90 11.28 8.75
C ARG B 220 -8.06 12.15 8.39
N GLY B 221 -7.77 13.41 8.08
CA GLY B 221 -8.81 14.34 7.68
C GLY B 221 -9.22 14.06 6.25
N ALA B 222 -8.23 13.74 5.42
CA ALA B 222 -8.45 13.42 4.02
C ALA B 222 -9.23 12.13 3.98
N TYR B 223 -8.72 11.17 4.76
CA TYR B 223 -9.32 9.86 4.86
C TYR B 223 -10.81 10.04 5.05
N THR B 224 -11.21 10.59 6.19
CA THR B 224 -12.63 10.81 6.49
C THR B 224 -13.36 11.35 5.26
N ASP B 225 -12.73 12.33 4.61
CA ASP B 225 -13.28 12.95 3.42
C ASP B 225 -13.67 11.90 2.41
N PHE B 226 -12.77 10.93 2.22
CA PHE B 226 -13.02 9.86 1.27
C PHE B 226 -14.30 9.12 1.59
N SER B 227 -14.54 8.84 2.86
CA SER B 227 -15.75 8.15 3.24
C SER B 227 -16.96 8.99 2.83
N CYS B 228 -16.78 10.29 2.71
CA CYS B 228 -17.86 11.18 2.28
C CYS B 228 -17.91 11.13 0.76
N LEU B 229 -16.75 11.36 0.15
CA LEU B 229 -16.62 11.35 -1.29
C LEU B 229 -17.21 10.07 -1.86
N LEU B 230 -17.27 9.03 -1.03
CA LEU B 230 -17.83 7.78 -1.46
C LEU B 230 -19.32 7.89 -1.18
N PHE B 231 -19.65 8.36 0.02
CA PHE B 231 -21.03 8.52 0.46
C PHE B 231 -21.87 9.29 -0.55
N ALA B 232 -21.28 10.33 -1.13
CA ALA B 232 -21.98 11.16 -2.09
C ALA B 232 -22.30 10.44 -3.41
N HIS B 233 -21.66 9.30 -3.64
CA HIS B 233 -21.92 8.56 -4.87
C HIS B 233 -23.15 7.65 -4.82
N LEU B 234 -23.53 7.20 -3.63
CA LEU B 234 -24.68 6.30 -3.52
C LEU B 234 -26.03 6.94 -3.88
N ARG B 235 -26.87 6.17 -4.57
CA ARG B 235 -28.21 6.62 -4.96
C ARG B 235 -29.14 6.74 -3.77
N THR B 236 -29.53 5.60 -3.22
CA THR B 236 -30.43 5.53 -2.06
C THR B 236 -29.72 5.86 -0.74
N LYS B 237 -29.92 7.09 -0.25
CA LYS B 237 -29.29 7.53 0.99
C LYS B 237 -30.01 7.10 2.26
N PRO B 238 -29.30 7.10 3.39
CA PRO B 238 -29.88 6.72 4.67
C PRO B 238 -30.74 7.86 5.25
N ASN B 239 -31.96 7.53 5.71
CA ASN B 239 -32.83 8.54 6.29
C ASN B 239 -31.93 9.38 7.18
N PRO B 240 -31.95 10.71 6.99
CA PRO B 240 -31.13 11.63 7.76
C PRO B 240 -31.11 11.28 9.24
N LYS B 241 -32.22 10.73 9.72
CA LYS B 241 -32.34 10.33 11.13
C LYS B 241 -31.20 9.40 11.51
N ILE B 242 -31.08 8.30 10.76
CA ILE B 242 -30.03 7.31 10.96
C ILE B 242 -28.66 7.95 10.85
N ILE B 243 -28.53 8.85 9.88
CA ILE B 243 -27.27 9.52 9.70
C ILE B 243 -26.88 10.16 11.01
N GLU B 244 -27.87 10.75 11.69
CA GLU B 244 -27.59 11.41 12.95
C GLU B 244 -27.12 10.46 14.06
N LYS B 245 -28.01 9.61 14.57
CA LYS B 245 -27.63 8.68 15.64
C LYS B 245 -26.19 8.25 15.53
N ILE B 246 -25.76 7.91 14.32
CA ILE B 246 -24.39 7.48 14.15
C ILE B 246 -23.42 8.53 14.71
N ILE B 247 -23.37 9.71 14.11
CA ILE B 247 -22.47 10.74 14.61
C ILE B 247 -22.79 11.08 16.06
N THR B 248 -24.07 11.08 16.38
CA THR B 248 -24.49 11.37 17.73
C THR B 248 -23.80 10.39 18.67
N GLU B 249 -23.98 9.09 18.42
CA GLU B 249 -23.39 8.04 19.24
C GLU B 249 -21.88 8.24 19.38
N ALA B 250 -21.22 8.49 18.25
CA ALA B 250 -19.78 8.69 18.25
C ALA B 250 -19.35 9.87 19.10
N VAL B 251 -20.10 10.97 18.98
CA VAL B 251 -19.80 12.16 19.75
C VAL B 251 -19.67 11.78 21.22
N GLU B 252 -20.73 11.23 21.78
CA GLU B 252 -20.75 10.83 23.18
C GLU B 252 -19.66 9.83 23.56
N ILE B 253 -19.50 8.76 22.81
CA ILE B 253 -18.45 7.80 23.12
C ILE B 253 -17.10 8.53 23.18
N GLU B 254 -16.84 9.39 22.21
CA GLU B 254 -15.59 10.13 22.15
C GLU B 254 -15.27 10.83 23.49
N LYS B 255 -16.18 11.71 23.94
CA LYS B 255 -16.01 12.46 25.19
C LYS B 255 -15.52 11.57 26.34
N GLU B 256 -16.34 10.58 26.71
CA GLU B 256 -16.03 9.63 27.77
C GLU B 256 -14.54 9.45 28.09
N TYR B 257 -13.73 9.34 27.05
CA TYR B 257 -12.29 9.17 27.20
C TYR B 257 -11.60 10.21 28.07
N TYR B 258 -12.05 11.46 27.96
CA TYR B 258 -11.43 12.57 28.66
C TYR B 258 -11.95 12.81 30.07
N SER B 259 -13.04 12.15 30.42
CA SER B 259 -13.64 12.29 31.74
C SER B 259 -13.32 11.03 32.52
N ASN B 260 -12.95 9.97 31.81
CA ASN B 260 -12.64 8.68 32.42
C ASN B 260 -11.16 8.31 32.28
N SER B 261 -10.79 7.73 31.14
CA SER B 261 -9.41 7.34 30.92
C SER B 261 -8.45 8.52 31.04
N LEU B 262 -8.25 9.24 29.93
CA LEU B 262 -7.31 10.35 29.90
C LEU B 262 -7.81 11.73 30.28
N PRO B 263 -7.19 12.33 31.31
CA PRO B 263 -7.35 13.62 31.98
C PRO B 263 -8.04 14.78 31.27
N VAL B 264 -7.24 15.68 30.72
CA VAL B 264 -7.75 16.88 30.04
C VAL B 264 -8.08 17.84 31.16
N GLU B 265 -8.31 17.27 32.34
CA GLU B 265 -8.61 18.03 33.53
C GLU B 265 -7.25 18.10 34.24
N LYS B 266 -6.65 16.95 34.45
CA LYS B 266 -5.33 16.86 35.09
C LYS B 266 -4.30 17.27 34.04
N PHE B 267 -4.66 17.13 32.77
CA PHE B 267 -3.73 17.48 31.68
C PHE B 267 -3.52 18.98 31.66
N GLY B 268 -4.59 19.75 31.86
CA GLY B 268 -4.48 21.20 31.87
C GLY B 268 -5.48 21.99 31.07
N MET B 269 -6.71 21.49 30.92
CA MET B 269 -7.72 22.23 30.17
C MET B 269 -9.13 22.13 30.72
N ASP B 270 -9.98 23.05 30.25
CA ASP B 270 -11.38 23.15 30.66
C ASP B 270 -12.32 22.22 29.91
N LEU B 271 -12.24 20.94 30.24
CA LEU B 271 -13.06 19.88 29.65
C LEU B 271 -14.30 20.30 28.87
N LYS B 272 -15.10 21.20 29.43
CA LYS B 272 -16.30 21.65 28.76
C LYS B 272 -16.01 22.12 27.33
N SER B 273 -14.76 22.46 27.08
CA SER B 273 -14.34 22.94 25.77
C SER B 273 -14.16 21.78 24.78
N ILE B 274 -13.37 20.80 25.19
CA ILE B 274 -13.12 19.62 24.38
C ILE B 274 -14.50 19.05 24.06
N HIS B 275 -15.33 18.96 25.10
CA HIS B 275 -16.69 18.46 24.96
C HIS B 275 -17.43 19.18 23.83
N THR B 276 -17.20 20.48 23.73
CA THR B 276 -17.86 21.27 22.71
C THR B 276 -17.21 21.11 21.35
N TYR B 277 -15.87 21.13 21.31
CA TYR B 277 -15.17 20.97 20.03
C TYR B 277 -15.61 19.67 19.35
N ILE B 278 -15.60 18.59 20.11
CA ILE B 278 -16.04 17.31 19.56
C ILE B 278 -17.34 17.59 18.83
N GLU B 279 -18.23 18.34 19.47
CA GLU B 279 -19.52 18.65 18.87
C GLU B 279 -19.32 19.39 17.56
N PHE B 280 -18.35 20.30 17.56
CA PHE B 280 -18.06 21.08 16.35
C PHE B 280 -17.82 20.14 15.17
N VAL B 281 -16.72 19.43 15.25
CA VAL B 281 -16.33 18.48 14.24
C VAL B 281 -17.57 17.76 13.71
N ALA B 282 -18.27 17.05 14.61
CA ALA B 282 -19.46 16.29 14.27
C ALA B 282 -20.48 17.00 13.39
N ASP B 283 -20.81 18.24 13.71
CA ASP B 283 -21.77 18.97 12.90
C ASP B 283 -21.24 19.15 11.48
N GLY B 284 -20.04 19.71 11.37
CA GLY B 284 -19.44 19.91 10.07
C GLY B 284 -19.46 18.61 9.29
N LEU B 285 -19.44 17.51 10.03
CA LEU B 285 -19.45 16.16 9.45
C LEU B 285 -20.90 15.80 9.14
N LEU B 286 -21.80 16.29 9.96
CA LEU B 286 -23.22 16.02 9.76
C LEU B 286 -23.65 16.68 8.47
N GLN B 287 -23.14 17.88 8.26
CA GLN B 287 -23.45 18.64 7.07
C GLN B 287 -22.93 17.90 5.85
N GLY B 288 -21.65 17.50 5.94
CA GLY B 288 -20.99 16.78 4.87
C GLY B 288 -21.62 15.44 4.45
N PHE B 289 -22.82 15.17 4.94
CA PHE B 289 -23.54 13.95 4.60
C PHE B 289 -24.97 14.38 4.30
N GLY B 290 -25.17 15.67 4.04
CA GLY B 290 -26.50 16.16 3.76
C GLY B 290 -27.36 15.96 4.98
N ASN B 291 -26.98 16.65 6.05
CA ASN B 291 -27.69 16.59 7.33
C ASN B 291 -27.52 17.90 8.10
N GLU B 292 -28.63 18.45 8.57
CA GLU B 292 -28.61 19.71 9.32
C GLU B 292 -27.78 19.63 10.59
N LYS B 293 -27.15 20.74 10.97
CA LYS B 293 -26.32 20.78 12.17
C LYS B 293 -27.13 20.34 13.41
N TYR B 294 -26.44 19.77 14.38
CA TYR B 294 -27.11 19.31 15.60
C TYR B 294 -26.67 20.13 16.80
N TYR B 295 -25.51 19.78 17.33
CA TYR B 295 -24.97 20.45 18.49
C TYR B 295 -24.95 21.97 18.38
N ASN B 296 -24.67 22.48 17.18
CA ASN B 296 -24.59 23.92 16.95
C ASN B 296 -23.46 24.50 17.78
N ALA B 297 -22.40 23.70 17.95
CA ALA B 297 -21.25 24.13 18.72
C ALA B 297 -20.52 25.25 17.99
N VAL B 298 -19.48 25.75 18.63
CA VAL B 298 -18.66 26.81 18.07
C VAL B 298 -17.22 26.52 18.47
N ASN B 299 -16.33 26.53 17.50
CA ASN B 299 -14.93 26.23 17.75
C ASN B 299 -14.36 26.95 18.98
N PRO B 300 -13.91 26.19 19.99
CA PRO B 300 -13.35 26.75 21.22
C PRO B 300 -11.86 27.03 21.15
N PHE B 301 -11.17 26.39 20.22
CA PHE B 301 -9.72 26.60 20.10
C PHE B 301 -9.36 27.10 18.71
N GLU B 302 -8.38 28.00 18.66
CA GLU B 302 -7.90 28.45 17.36
C GLU B 302 -7.41 27.28 16.52
N PHE B 303 -8.27 26.79 15.66
CA PHE B 303 -7.92 25.60 14.91
C PHE B 303 -7.67 25.66 13.42
N MET B 304 -6.80 24.73 13.01
CA MET B 304 -6.37 24.54 11.63
C MET B 304 -6.32 23.02 11.42
N GLU B 305 -6.77 22.56 10.25
CA GLU B 305 -6.78 21.13 9.95
C GLU B 305 -5.44 20.65 9.41
N PHE B 315 -8.95 28.59 1.50
CA PHE B 315 -8.94 30.06 1.40
C PHE B 315 -9.36 30.50 0.03
N PHE B 316 -8.44 30.34 -0.92
CA PHE B 316 -8.72 30.72 -2.30
C PHE B 316 -9.99 29.98 -2.71
N GLU B 317 -9.96 28.65 -2.59
CA GLU B 317 -11.11 27.82 -2.93
C GLU B 317 -12.33 28.16 -2.07
N LYS B 318 -12.19 28.11 -0.75
CA LYS B 318 -13.30 28.42 0.13
C LYS B 318 -14.00 29.73 -0.26
N LYS B 319 -13.26 30.82 -0.30
CA LYS B 319 -13.85 32.12 -0.66
C LYS B 319 -14.36 32.08 -2.11
N VAL B 320 -13.82 31.19 -2.93
CA VAL B 320 -14.27 31.10 -4.32
C VAL B 320 -15.68 30.55 -4.35
N SER B 321 -15.89 29.41 -3.69
CA SER B 321 -17.18 28.77 -3.64
C SER B 321 -18.18 29.52 -2.76
N ASP B 322 -17.67 30.27 -1.78
CA ASP B 322 -18.52 31.06 -0.91
C ASP B 322 -19.29 32.06 -1.76
N TYR B 323 -18.72 32.39 -2.91
CA TYR B 323 -19.32 33.32 -3.87
C TYR B 323 -19.78 32.56 -5.11
N GLN B 324 -20.27 31.35 -4.86
CA GLN B 324 -20.81 30.48 -5.90
C GLN B 324 -22.18 30.20 -5.32
N LYS B 325 -22.30 30.40 -4.01
CA LYS B 325 -23.54 30.19 -3.26
C LYS B 325 -24.19 31.53 -2.92
HG HG C . 16.32 -4.48 -13.37
HG HG D . 19.19 -13.92 -0.84
HG HG E . -7.98 15.56 12.70
HG HG F . -18.60 14.67 0.88
#